data_2YV9
#
_entry.id   2YV9
#
_cell.length_a   54.913
_cell.length_b   91.395
_cell.length_c   63.286
_cell.angle_alpha   90.00
_cell.angle_beta   99.61
_cell.angle_gamma   90.00
#
_symmetry.space_group_name_H-M   'P 1 21 1'
#
loop_
_entity.id
_entity.type
_entity.pdbx_description
1 polymer 'Chloride intracellular channel exc-4'
2 non-polymer 'CALCIUM ION'
3 water water
#
_entity_poly.entity_id   1
_entity_poly.type   'polypeptide(L)'
_entity_poly.pdbx_seq_one_letter_code
;AMAEAYQIQSNGDPQSKPLLELYVKASGIDARRIGADLFCQEFWMELYALYEIGVARVEVKTVNVNSEAFKKNFLGAQPP
IMIEEEKELTYTDNREIEGRIFHLAKEFNVPLFEKDPSAEKRIENLYRNFKLFLRAKVEFDKGKKEPSRVEDLPAQIKVH
YNRVCEQLSNIDQLLSERKSRYLLGNSMTEYDCELMPRLHHIRIIGLSLLGFDIPHNFTHLWAYILTAYRTAAFIESCPA
DQDIIHHYKEQMNLFTNQRETLQSPTKTHTIPEKVLSDIRVKGLAPDVNVH
;
_entity_poly.pdbx_strand_id   A,B
#
# COMPACT_ATOMS: atom_id res chain seq x y z
N ALA A 1 -31.78 -18.69 -10.91
CA ALA A 1 -30.61 -19.27 -10.20
C ALA A 1 -30.99 -20.50 -9.37
N MET A 2 -32.21 -20.55 -8.83
CA MET A 2 -32.68 -21.71 -8.09
C MET A 2 -32.74 -22.93 -9.03
N ALA A 3 -33.39 -22.75 -10.18
CA ALA A 3 -33.38 -23.77 -11.23
C ALA A 3 -31.96 -24.29 -11.43
N GLU A 4 -31.04 -23.35 -11.57
CA GLU A 4 -29.61 -23.66 -11.80
C GLU A 4 -28.94 -24.30 -10.57
N ALA A 5 -29.27 -23.77 -9.40
CA ALA A 5 -28.84 -24.32 -8.11
C ALA A 5 -29.19 -25.79 -7.98
N TYR A 6 -30.35 -26.18 -8.51
CA TYR A 6 -30.75 -27.58 -8.53
C TYR A 6 -29.92 -28.41 -9.50
N GLN A 7 -29.16 -27.77 -10.38
CA GLN A 7 -28.37 -28.47 -11.39
C GLN A 7 -26.87 -28.47 -11.08
N ILE A 8 -26.48 -27.91 -9.93
CA ILE A 8 -25.06 -27.87 -9.54
C ILE A 8 -24.85 -28.68 -8.26
N GLN A 9 -23.85 -29.56 -8.25
CA GLN A 9 -23.56 -30.38 -7.06
C GLN A 9 -22.34 -29.87 -6.28
N SER A 10 -22.16 -28.55 -6.27
CA SER A 10 -21.00 -27.90 -5.64
C SER A 10 -20.49 -28.62 -4.38
N ASN A 11 -19.19 -28.88 -4.33
CA ASN A 11 -18.60 -29.73 -3.30
C ASN A 11 -18.60 -29.11 -1.90
N GLY A 12 -18.76 -29.96 -0.89
CA GLY A 12 -18.77 -29.55 0.52
C GLY A 12 -17.47 -29.88 1.22
N ASP A 13 -16.40 -29.25 0.78
CA ASP A 13 -15.09 -29.35 1.42
C ASP A 13 -14.67 -27.94 1.82
N PRO A 14 -14.43 -27.71 3.13
CA PRO A 14 -13.92 -26.39 3.53
C PRO A 14 -12.71 -25.95 2.70
N GLN A 15 -11.87 -26.92 2.32
CA GLN A 15 -10.73 -26.64 1.45
C GLN A 15 -11.10 -26.29 0.00
N SER A 16 -12.39 -26.22 -0.32
CA SER A 16 -12.85 -25.75 -1.64
C SER A 16 -12.64 -24.24 -1.77
N LYS A 17 -13.02 -23.49 -0.74
CA LYS A 17 -12.97 -22.03 -0.83
C LYS A 17 -11.55 -21.53 -0.68
N PRO A 18 -11.27 -20.39 -1.31
CA PRO A 18 -9.91 -19.86 -1.29
C PRO A 18 -9.36 -19.61 0.13
N LEU A 19 -8.07 -19.86 0.30
CA LEU A 19 -7.36 -19.59 1.53
C LEU A 19 -6.54 -18.33 1.32
N LEU A 20 -6.88 -17.28 2.09
CA LEU A 20 -6.18 -15.99 2.02
C LEU A 20 -5.48 -15.78 3.35
N GLU A 21 -4.16 -15.59 3.33
N GLU A 21 -4.19 -15.47 3.31
CA GLU A 21 -3.40 -15.34 4.54
CA GLU A 21 -3.36 -15.33 4.49
C GLU A 21 -3.05 -13.85 4.52
C GLU A 21 -2.85 -13.89 4.61
N LEU A 22 -3.32 -13.18 5.64
CA LEU A 22 -3.00 -11.79 5.82
C LEU A 22 -1.92 -11.64 6.86
N TYR A 23 -0.84 -10.95 6.48
CA TYR A 23 0.27 -10.66 7.37
C TYR A 23 0.05 -9.23 7.81
N VAL A 24 0.07 -9.00 9.11
CA VAL A 24 -0.16 -7.69 9.69
C VAL A 24 1.06 -7.26 10.52
N LYS A 25 1.29 -5.95 10.59
CA LYS A 25 2.34 -5.42 11.41
C LYS A 25 2.10 -5.75 12.89
N ALA A 26 3.10 -6.33 13.56
CA ALA A 26 3.01 -6.68 14.97
C ALA A 26 3.20 -5.45 15.87
N SER A 27 2.72 -5.57 17.10
CA SER A 27 3.01 -4.62 18.14
C SER A 27 4.52 -4.51 18.34
N GLY A 28 5.02 -3.30 18.54
CA GLY A 28 6.44 -3.12 18.89
C GLY A 28 6.72 -3.38 20.36
N ILE A 29 5.71 -3.74 21.14
CA ILE A 29 5.96 -4.03 22.59
C ILE A 29 6.13 -5.55 22.70
N ASP A 30 5.16 -6.27 22.17
CA ASP A 30 5.18 -7.74 22.13
C ASP A 30 4.78 -8.20 20.74
N ALA A 31 5.74 -8.74 20.00
CA ALA A 31 5.50 -9.07 18.58
C ALA A 31 4.50 -10.19 18.34
N ARG A 32 4.06 -10.88 19.39
CA ARG A 32 3.02 -11.89 19.27
C ARG A 32 1.63 -11.24 19.19
N ARG A 33 1.53 -9.97 19.60
CA ARG A 33 0.25 -9.23 19.55
C ARG A 33 0.14 -8.44 18.21
N ILE A 34 -1.08 -8.34 17.70
CA ILE A 34 -1.36 -7.57 16.49
C ILE A 34 -1.10 -6.09 16.77
N GLY A 35 -0.58 -5.38 15.78
CA GLY A 35 -0.35 -3.95 15.90
C GLY A 35 -1.52 -3.14 15.47
N ALA A 36 -1.27 -1.84 15.33
CA ALA A 36 -2.32 -0.83 15.11
C ALA A 36 -2.28 -0.18 13.75
N ASP A 37 -1.76 -0.89 12.77
CA ASP A 37 -1.70 -0.38 11.43
C ASP A 37 -3.13 -0.30 10.90
N LEU A 38 -3.54 0.89 10.43
CA LEU A 38 -4.95 1.01 9.99
C LEU A 38 -5.30 0.27 8.71
N PHE A 39 -4.34 0.13 7.82
CA PHE A 39 -4.58 -0.60 6.55
C PHE A 39 -4.70 -2.10 6.83
N CYS A 40 -3.92 -2.59 7.79
CA CYS A 40 -4.07 -4.00 8.20
C CYS A 40 -5.48 -4.26 8.76
N GLN A 41 -5.93 -3.36 9.62
CA GLN A 41 -7.28 -3.56 10.20
C GLN A 41 -8.39 -3.44 9.13
N GLU A 42 -8.24 -2.51 8.20
CA GLU A 42 -9.21 -2.36 7.10
C GLU A 42 -9.36 -3.71 6.36
N PHE A 43 -8.26 -4.29 5.87
CA PHE A 43 -8.37 -5.52 5.10
C PHE A 43 -8.77 -6.71 5.95
N TRP A 44 -8.32 -6.74 7.20
CA TRP A 44 -8.73 -7.82 8.10
C TRP A 44 -10.24 -7.76 8.28
N MET A 45 -10.79 -6.55 8.51
CA MET A 45 -12.24 -6.49 8.60
C MET A 45 -12.95 -7.01 7.35
N GLU A 46 -12.44 -6.65 6.19
CA GLU A 46 -13.02 -7.14 4.93
C GLU A 46 -12.91 -8.68 4.82
N LEU A 47 -11.72 -9.20 5.07
CA LEU A 47 -11.56 -10.66 5.09
C LEU A 47 -12.49 -11.36 6.09
N TYR A 48 -12.70 -10.76 7.24
CA TYR A 48 -13.59 -11.34 8.26
C TYR A 48 -15.02 -11.40 7.73
N ALA A 49 -15.44 -10.34 7.02
CA ALA A 49 -16.78 -10.34 6.41
C ALA A 49 -16.97 -11.58 5.53
N LEU A 50 -15.96 -11.88 4.73
CA LEU A 50 -16.00 -13.04 3.81
C LEU A 50 -15.87 -14.38 4.51
N TYR A 51 -14.92 -14.47 5.43
CA TYR A 51 -14.77 -15.57 6.41
C TYR A 51 -16.09 -15.95 7.09
N GLU A 52 -16.78 -14.99 7.68
CA GLU A 52 -17.93 -15.31 8.56
C GLU A 52 -19.12 -15.87 7.77
N ILE A 53 -19.18 -15.59 6.48
CA ILE A 53 -20.24 -16.19 5.63
C ILE A 53 -19.79 -17.43 4.84
N GLY A 54 -18.56 -17.89 5.08
CA GLY A 54 -18.03 -19.09 4.39
C GLY A 54 -17.54 -18.89 2.96
N VAL A 55 -17.29 -17.64 2.56
CA VAL A 55 -16.79 -17.35 1.22
C VAL A 55 -15.29 -17.64 1.11
N ALA A 56 -14.53 -17.44 2.19
CA ALA A 56 -13.08 -17.68 2.18
C ALA A 56 -12.62 -18.30 3.50
N ARG A 57 -11.52 -19.05 3.46
CA ARG A 57 -10.75 -19.39 4.62
C ARG A 57 -9.71 -18.27 4.78
N VAL A 58 -9.48 -17.87 6.01
CA VAL A 58 -8.59 -16.77 6.31
C VAL A 58 -7.75 -17.10 7.52
N GLU A 59 -6.45 -16.85 7.39
CA GLU A 59 -5.54 -16.92 8.51
C GLU A 59 -4.89 -15.55 8.63
N VAL A 60 -4.58 -15.13 9.86
CA VAL A 60 -3.86 -13.90 10.07
C VAL A 60 -2.62 -14.19 10.90
N LYS A 61 -1.50 -13.56 10.51
CA LYS A 61 -0.20 -13.73 11.18
C LYS A 61 0.47 -12.38 11.40
N THR A 62 1.06 -12.19 12.57
CA THR A 62 1.72 -10.95 12.92
C THR A 62 3.19 -11.01 12.57
N VAL A 63 3.76 -9.89 12.16
CA VAL A 63 5.15 -9.82 11.78
C VAL A 63 5.84 -8.57 12.32
N ASN A 64 7.10 -8.75 12.70
CA ASN A 64 7.96 -7.66 13.04
C ASN A 64 8.56 -7.20 11.73
N VAL A 65 8.15 -6.03 11.27
CA VAL A 65 8.61 -5.52 9.98
C VAL A 65 10.12 -5.29 9.93
N ASN A 66 10.75 -5.36 11.10
CA ASN A 66 12.18 -5.17 11.20
C ASN A 66 12.95 -6.48 11.16
N SER A 67 12.24 -7.63 11.17
CA SER A 67 12.93 -8.94 11.09
C SER A 67 13.65 -9.20 9.75
N GLU A 68 14.86 -9.77 9.83
CA GLU A 68 15.60 -10.20 8.64
C GLU A 68 14.81 -11.11 7.70
N ALA A 69 14.08 -12.07 8.28
CA ALA A 69 13.34 -13.03 7.46
C ALA A 69 12.20 -12.34 6.70
N PHE A 70 11.60 -11.34 7.33
CA PHE A 70 10.46 -10.64 6.72
C PHE A 70 10.93 -9.75 5.59
N LYS A 71 12.06 -9.08 5.81
CA LYS A 71 12.69 -8.27 4.78
C LYS A 71 13.09 -9.12 3.59
N LYS A 72 13.63 -10.31 3.86
CA LYS A 72 14.11 -11.14 2.78
C LYS A 72 12.96 -11.83 2.05
N ASN A 73 11.99 -12.31 2.81
CA ASN A 73 10.81 -12.96 2.20
C ASN A 73 9.94 -12.07 1.31
N PHE A 74 9.81 -10.78 1.66
CA PHE A 74 8.97 -9.84 0.90
C PHE A 74 9.71 -8.64 0.31
N LEU A 75 11.03 -8.72 0.30
CA LEU A 75 11.87 -7.73 -0.37
C LEU A 75 11.46 -6.31 -0.10
N GLY A 76 11.21 -5.99 1.17
CA GLY A 76 10.94 -4.60 1.58
C GLY A 76 9.48 -4.20 1.59
N ALA A 77 8.60 -5.06 1.10
CA ALA A 77 7.19 -4.75 1.17
C ALA A 77 6.76 -4.73 2.62
N GLN A 78 5.74 -3.90 2.94
CA GLN A 78 5.26 -3.79 4.31
C GLN A 78 3.86 -4.36 4.44
N PRO A 79 3.51 -4.80 5.67
CA PRO A 79 2.14 -5.19 5.88
C PRO A 79 1.26 -3.99 5.65
N PRO A 80 0.01 -4.24 5.25
CA PRO A 80 -0.59 -5.54 4.99
C PRO A 80 -0.10 -6.19 3.69
N ILE A 81 0.05 -7.51 3.77
CA ILE A 81 0.42 -8.34 2.63
C ILE A 81 -0.54 -9.57 2.70
N MET A 82 -1.07 -9.98 1.56
CA MET A 82 -2.00 -11.10 1.48
C MET A 82 -1.46 -12.15 0.54
N ILE A 83 -1.48 -13.42 1.02
CA ILE A 83 -0.96 -14.54 0.26
C ILE A 83 -2.08 -15.48 -0.12
N GLU A 84 -2.08 -15.88 -1.38
CA GLU A 84 -3.04 -16.94 -1.84
C GLU A 84 -2.21 -18.05 -2.46
N GLU A 85 -1.68 -18.88 -1.59
CA GLU A 85 -0.66 -19.86 -1.97
C GLU A 85 -1.17 -20.84 -3.03
N GLU A 86 -2.43 -21.24 -2.93
CA GLU A 86 -2.94 -22.24 -3.86
C GLU A 86 -2.97 -21.71 -5.31
N LYS A 87 -3.04 -20.38 -5.49
CA LYS A 87 -2.89 -19.76 -6.82
C LYS A 87 -1.47 -19.27 -7.10
N GLU A 88 -0.52 -19.59 -6.22
CA GLU A 88 0.84 -19.03 -6.26
C GLU A 88 0.90 -17.50 -6.28
N LEU A 89 -0.02 -16.84 -5.58
CA LEU A 89 -0.11 -15.38 -5.66
C LEU A 89 0.23 -14.72 -4.34
N THR A 90 0.88 -13.58 -4.46
CA THR A 90 1.24 -12.74 -3.33
C THR A 90 0.80 -11.32 -3.66
N TYR A 91 -0.10 -10.77 -2.86
CA TYR A 91 -0.58 -9.40 -3.05
C TYR A 91 0.09 -8.49 -2.03
N THR A 92 1.11 -7.75 -2.46
CA THR A 92 1.87 -6.91 -1.54
C THR A 92 1.41 -5.45 -1.55
N ASP A 93 0.67 -5.04 -2.60
CA ASP A 93 0.28 -3.67 -2.81
C ASP A 93 -1.19 -3.55 -2.44
N ASN A 94 -1.53 -2.48 -1.75
CA ASN A 94 -2.93 -2.34 -1.24
C ASN A 94 -3.95 -2.36 -2.36
N ARG A 95 -3.57 -1.88 -3.56
CA ARG A 95 -4.49 -1.96 -4.72
C ARG A 95 -4.81 -3.45 -5.05
N GLU A 96 -3.78 -4.28 -5.03
CA GLU A 96 -3.88 -5.71 -5.32
C GLU A 96 -4.74 -6.45 -4.26
N ILE A 97 -4.51 -6.14 -3.00
CA ILE A 97 -5.25 -6.81 -1.89
C ILE A 97 -6.70 -6.42 -2.02
N GLU A 98 -6.99 -5.13 -2.15
CA GLU A 98 -8.39 -4.68 -2.27
C GLU A 98 -9.04 -5.31 -3.50
N GLY A 99 -8.29 -5.34 -4.61
CA GLY A 99 -8.79 -5.90 -5.90
C GLY A 99 -9.26 -7.33 -5.75
N ARG A 100 -8.48 -8.12 -5.05
CA ARG A 100 -8.81 -9.54 -4.88
C ARG A 100 -10.06 -9.69 -3.97
N ILE A 101 -10.12 -8.90 -2.91
CA ILE A 101 -11.27 -8.97 -1.97
C ILE A 101 -12.52 -8.45 -2.68
N PHE A 102 -12.40 -7.39 -3.49
CA PHE A 102 -13.48 -6.81 -4.27
C PHE A 102 -14.04 -7.85 -5.22
N HIS A 103 -13.15 -8.62 -5.86
CA HIS A 103 -13.53 -9.63 -6.85
C HIS A 103 -14.37 -10.68 -6.17
N LEU A 104 -13.85 -11.23 -5.08
CA LEU A 104 -14.50 -12.27 -4.31
C LEU A 104 -15.87 -11.79 -3.76
N ALA A 105 -15.91 -10.59 -3.19
CA ALA A 105 -17.20 -10.00 -2.72
C ALA A 105 -18.25 -10.01 -3.87
N LYS A 106 -17.84 -9.58 -5.07
CA LYS A 106 -18.74 -9.49 -6.23
C LYS A 106 -19.21 -10.88 -6.60
N GLU A 107 -18.26 -11.81 -6.64
CA GLU A 107 -18.49 -13.16 -7.15
C GLU A 107 -19.53 -13.86 -6.29
N PHE A 108 -19.52 -13.53 -5.01
CA PHE A 108 -20.47 -14.12 -4.07
C PHE A 108 -21.60 -13.17 -3.60
N ASN A 109 -21.87 -12.15 -4.37
CA ASN A 109 -23.01 -11.25 -4.11
C ASN A 109 -22.98 -10.52 -2.76
N VAL A 110 -21.77 -10.18 -2.28
CA VAL A 110 -21.62 -9.53 -0.99
C VAL A 110 -21.50 -8.02 -1.17
N PRO A 111 -22.34 -7.24 -0.49
CA PRO A 111 -22.39 -5.80 -0.66
C PRO A 111 -21.34 -5.05 0.13
N LEU A 112 -20.11 -5.50 0.02
CA LEU A 112 -19.03 -4.97 0.86
C LEU A 112 -18.39 -3.72 0.29
N PHE A 113 -18.46 -3.51 -1.02
CA PHE A 113 -17.82 -2.37 -1.64
C PHE A 113 -18.81 -1.51 -2.34
N GLU A 114 -18.70 -0.22 -2.03
CA GLU A 114 -19.51 0.83 -2.66
C GLU A 114 -18.63 2.05 -2.90
N LYS A 115 -19.10 2.98 -3.73
CA LYS A 115 -18.42 4.25 -3.94
C LYS A 115 -19.27 5.40 -3.41
N ASP A 116 -18.66 6.23 -2.55
CA ASP A 116 -19.40 7.30 -1.93
C ASP A 116 -18.41 8.39 -1.64
N PRO A 117 -18.46 9.49 -2.42
CA PRO A 117 -17.47 10.55 -2.23
C PRO A 117 -17.75 11.40 -0.97
N SER A 118 -18.99 11.40 -0.50
CA SER A 118 -19.32 12.02 0.78
C SER A 118 -18.50 11.33 1.88
N ALA A 119 -18.57 10.02 1.90
CA ALA A 119 -17.91 9.22 2.96
C ALA A 119 -16.39 9.35 2.89
N GLU A 120 -15.85 9.27 1.66
N GLU A 120 -15.88 9.21 1.68
CA GLU A 120 -14.39 9.34 1.45
CA GLU A 120 -14.45 9.33 1.45
C GLU A 120 -13.79 10.66 1.90
C GLU A 120 -13.94 10.62 2.09
N LYS A 121 -14.53 11.74 1.70
CA LYS A 121 -14.07 13.04 2.15
C LYS A 121 -14.17 13.20 3.68
N ARG A 122 -15.21 12.64 4.26
CA ARG A 122 -15.44 12.83 5.68
C ARG A 122 -14.34 12.07 6.46
N ILE A 123 -14.07 10.85 6.02
CA ILE A 123 -13.05 10.00 6.67
C ILE A 123 -11.69 10.68 6.60
N GLU A 124 -11.29 11.11 5.42
CA GLU A 124 -9.97 11.74 5.23
C GLU A 124 -9.88 13.02 6.06
N ASN A 125 -10.94 13.82 6.05
CA ASN A 125 -10.86 15.11 6.70
C ASN A 125 -10.77 14.94 8.22
N LEU A 126 -11.52 13.95 8.74
CA LEU A 126 -11.46 13.66 10.18
C LEU A 126 -10.02 13.28 10.57
N TYR A 127 -9.48 12.28 9.88
CA TYR A 127 -8.17 11.73 10.35
C TYR A 127 -7.03 12.71 10.11
N ARG A 128 -7.14 13.49 9.03
CA ARG A 128 -6.16 14.57 8.77
C ARG A 128 -6.13 15.58 9.93
N ASN A 129 -7.30 16.01 10.37
CA ASN A 129 -7.29 16.96 11.48
C ASN A 129 -6.83 16.36 12.82
N PHE A 130 -7.16 15.08 13.03
CA PHE A 130 -6.67 14.35 14.20
C PHE A 130 -5.14 14.36 14.20
N LYS A 131 -4.55 13.98 13.06
CA LYS A 131 -3.06 13.90 12.98
C LYS A 131 -2.43 15.27 13.26
N LEU A 132 -3.02 16.32 12.68
CA LEU A 132 -2.52 17.69 12.97
C LEU A 132 -2.56 18.01 14.46
N PHE A 133 -3.66 17.68 15.13
CA PHE A 133 -3.81 18.00 16.53
C PHE A 133 -2.84 17.15 17.37
N LEU A 134 -2.72 15.88 17.01
CA LEU A 134 -1.79 14.98 17.70
C LEU A 134 -0.40 15.58 17.65
N ARG A 135 0.05 15.94 16.46
CA ARG A 135 1.40 16.48 16.33
C ARG A 135 1.51 17.85 17.05
N ALA A 136 0.51 18.74 16.89
CA ALA A 136 0.60 20.08 17.51
C ALA A 136 0.63 19.97 19.03
N LYS A 137 -0.20 19.12 19.61
CA LYS A 137 -0.27 19.08 21.07
C LYS A 137 0.98 18.41 21.65
N VAL A 138 1.41 17.37 20.96
CA VAL A 138 2.66 16.66 21.42
C VAL A 138 3.84 17.60 21.45
N GLU A 139 3.96 18.42 20.42
CA GLU A 139 5.08 19.38 20.36
C GLU A 139 4.88 20.51 21.39
N PHE A 140 3.64 20.90 21.62
CA PHE A 140 3.36 21.94 22.60
C PHE A 140 3.72 21.49 24.00
N ASP A 141 3.54 20.20 24.25
CA ASP A 141 3.71 19.63 25.59
C ASP A 141 5.15 19.19 25.84
N LYS A 142 5.99 19.29 24.83
CA LYS A 142 7.43 18.93 24.94
C LYS A 142 8.05 19.80 26.04
N GLY A 143 8.73 19.17 27.00
CA GLY A 143 9.38 19.92 28.09
C GLY A 143 8.48 20.31 29.24
N LYS A 144 7.36 19.63 29.35
CA LYS A 144 6.43 19.81 30.45
C LYS A 144 6.26 18.47 31.13
N LYS A 145 6.23 18.42 32.46
CA LYS A 145 5.95 17.13 33.07
C LYS A 145 4.46 16.79 33.07
N GLU A 146 3.62 17.77 33.41
CA GLU A 146 2.17 17.61 33.29
C GLU A 146 1.74 18.17 31.93
N PRO A 147 1.05 17.36 31.10
CA PRO A 147 0.57 17.85 29.80
C PRO A 147 -0.46 18.95 30.01
N SER A 148 -0.61 19.77 28.98
CA SER A 148 -1.62 20.80 28.99
C SER A 148 -3.01 20.19 28.90
N ARG A 149 -3.98 20.90 29.46
CA ARG A 149 -5.37 20.54 29.25
C ARG A 149 -5.78 21.11 27.93
N VAL A 150 -6.66 20.42 27.20
CA VAL A 150 -7.12 20.97 25.92
C VAL A 150 -7.77 22.37 26.09
N GLU A 151 -8.54 22.57 27.18
CA GLU A 151 -9.22 23.85 27.41
C GLU A 151 -8.26 25.01 27.60
N ASP A 152 -7.03 24.72 28.01
CA ASP A 152 -5.98 25.76 28.17
C ASP A 152 -5.11 26.02 26.95
N LEU A 153 -5.42 25.42 25.80
CA LEU A 153 -4.52 25.51 24.66
C LEU A 153 -4.67 26.83 23.95
N PRO A 154 -3.55 27.39 23.45
CA PRO A 154 -3.63 28.63 22.67
C PRO A 154 -4.30 28.38 21.31
N ALA A 155 -4.83 29.42 20.68
CA ALA A 155 -5.67 29.20 19.50
C ALA A 155 -5.04 28.40 18.37
N GLN A 156 -3.74 28.56 18.11
CA GLN A 156 -3.11 27.89 16.97
C GLN A 156 -2.90 26.38 17.16
N ILE A 157 -3.04 25.91 18.40
CA ILE A 157 -3.06 24.48 18.69
C ILE A 157 -4.50 23.99 18.81
N LYS A 158 -5.32 24.75 19.54
CA LYS A 158 -6.70 24.32 19.79
C LYS A 158 -7.54 24.24 18.53
N VAL A 159 -7.24 25.04 17.51
CA VAL A 159 -7.98 24.98 16.24
C VAL A 159 -8.02 23.56 15.62
N HIS A 160 -6.94 22.77 15.78
CA HIS A 160 -6.94 21.43 15.16
C HIS A 160 -7.93 20.55 15.91
N TYR A 161 -8.01 20.76 17.22
CA TYR A 161 -8.95 20.01 18.06
C TYR A 161 -10.38 20.39 17.67
N ASN A 162 -10.61 21.68 17.55
CA ASN A 162 -11.97 22.15 17.17
C ASN A 162 -12.38 21.58 15.82
N ARG A 163 -11.43 21.50 14.86
CA ARG A 163 -11.68 20.92 13.54
C ARG A 163 -11.96 19.45 13.60
N VAL A 164 -11.25 18.75 14.50
CA VAL A 164 -11.61 17.36 14.79
C VAL A 164 -13.06 17.27 15.24
N CYS A 165 -13.45 18.07 16.23
CA CYS A 165 -14.81 18.02 16.75
C CYS A 165 -15.84 18.38 15.66
N GLU A 166 -15.48 19.36 14.82
CA GLU A 166 -16.35 19.71 13.65
C GLU A 166 -16.59 18.51 12.74
N GLN A 167 -15.55 17.76 12.42
CA GLN A 167 -15.69 16.59 11.50
C GLN A 167 -16.47 15.44 12.14
N LEU A 168 -16.19 15.21 13.41
CA LEU A 168 -16.96 14.25 14.20
C LEU A 168 -18.44 14.66 14.21
N SER A 169 -18.66 15.96 14.33
CA SER A 169 -20.03 16.51 14.28
C SER A 169 -20.65 16.27 12.90
N ASN A 170 -19.87 16.47 11.85
CA ASN A 170 -20.34 16.25 10.46
C ASN A 170 -20.76 14.78 10.22
N ILE A 171 -19.95 13.86 10.71
CA ILE A 171 -20.30 12.45 10.69
C ILE A 171 -21.53 12.08 11.54
N ASP A 172 -21.61 12.62 12.75
CA ASP A 172 -22.84 12.49 13.53
C ASP A 172 -24.05 12.91 12.71
N GLN A 173 -23.94 14.08 12.07
CA GLN A 173 -25.03 14.66 11.28
C GLN A 173 -25.41 13.74 10.12
N LEU A 174 -24.41 13.24 9.41
CA LEU A 174 -24.66 12.29 8.31
C LEU A 174 -25.37 11.02 8.78
N LEU A 175 -24.93 10.46 9.90
CA LEU A 175 -25.56 9.29 10.42
C LEU A 175 -26.97 9.54 10.88
N SER A 176 -27.22 10.74 11.41
CA SER A 176 -28.55 11.11 11.86
C SER A 176 -29.50 11.19 10.68
N GLU A 177 -29.07 11.86 9.61
CA GLU A 177 -29.88 11.90 8.40
C GLU A 177 -30.05 10.54 7.70
N ARG A 178 -28.99 9.74 7.65
CA ARG A 178 -29.06 8.41 7.00
C ARG A 178 -29.89 7.39 7.79
N LYS A 179 -29.86 7.51 9.11
CA LYS A 179 -30.51 6.56 10.01
C LYS A 179 -30.09 5.10 9.85
N SER A 180 -28.88 4.89 9.32
CA SER A 180 -28.32 3.59 9.03
C SER A 180 -27.43 3.03 10.14
N ARG A 181 -27.37 1.70 10.21
CA ARG A 181 -26.56 0.98 11.20
C ARG A 181 -25.08 1.20 10.92
N TYR A 182 -24.74 0.99 9.65
CA TYR A 182 -23.39 1.27 9.15
C TYR A 182 -23.42 2.62 8.41
N LEU A 183 -22.28 3.08 7.88
CA LEU A 183 -22.15 4.42 7.36
C LEU A 183 -23.04 4.61 6.14
N LEU A 184 -23.15 3.59 5.31
CA LEU A 184 -23.92 3.70 4.05
C LEU A 184 -25.25 2.98 4.00
N GLY A 185 -25.52 2.14 4.99
CA GLY A 185 -26.71 1.33 4.97
C GLY A 185 -26.65 0.27 6.04
N ASN A 186 -27.38 -0.82 5.80
CA ASN A 186 -27.52 -1.88 6.79
C ASN A 186 -26.35 -2.87 6.83
N SER A 187 -25.44 -2.78 5.87
CA SER A 187 -24.37 -3.74 5.67
C SER A 187 -23.02 -3.03 5.85
N MET A 188 -22.09 -3.75 6.43
CA MET A 188 -20.72 -3.22 6.59
C MET A 188 -20.09 -3.08 5.21
N THR A 189 -19.42 -1.95 4.95
CA THR A 189 -18.74 -1.71 3.70
C THR A 189 -17.28 -1.35 3.98
N GLU A 190 -16.50 -1.16 2.90
CA GLU A 190 -15.10 -0.76 3.04
C GLU A 190 -14.96 0.56 3.82
N TYR A 191 -15.94 1.46 3.72
CA TYR A 191 -15.87 2.71 4.45
C TYR A 191 -15.93 2.50 5.97
N ASP A 192 -16.71 1.53 6.45
CA ASP A 192 -16.68 1.14 7.86
C ASP A 192 -15.35 0.57 8.25
N CYS A 193 -14.76 -0.16 7.31
CA CYS A 193 -13.48 -0.81 7.54
C CYS A 193 -12.37 0.24 7.69
N GLU A 194 -12.63 1.48 7.23
CA GLU A 194 -11.71 2.61 7.37
C GLU A 194 -12.09 3.53 8.55
N LEU A 195 -13.35 3.88 8.65
CA LEU A 195 -13.79 4.83 9.72
C LEU A 195 -13.81 4.20 11.10
N MET A 196 -14.28 2.96 11.26
CA MET A 196 -14.45 2.47 12.62
C MET A 196 -13.04 2.35 13.30
N PRO A 197 -12.07 1.76 12.58
CA PRO A 197 -10.70 1.81 13.26
C PRO A 197 -10.20 3.23 13.54
N ARG A 198 -10.42 4.18 12.62
CA ARG A 198 -10.00 5.57 12.85
C ARG A 198 -10.69 6.17 14.09
N LEU A 199 -12.00 5.95 14.19
CA LEU A 199 -12.73 6.44 15.35
C LEU A 199 -12.19 5.85 16.64
N HIS A 200 -11.95 4.55 16.65
CA HIS A 200 -11.47 3.89 17.87
C HIS A 200 -10.08 4.39 18.21
N HIS A 201 -9.21 4.55 17.22
CA HIS A 201 -7.88 5.17 17.45
C HIS A 201 -8.06 6.56 18.10
N ILE A 202 -8.97 7.36 17.53
CA ILE A 202 -9.15 8.70 18.02
C ILE A 202 -9.64 8.64 19.48
N ARG A 203 -10.53 7.69 19.79
CA ARG A 203 -11.07 7.58 21.15
C ARG A 203 -9.96 7.23 22.17
N ILE A 204 -9.23 6.17 21.86
CA ILE A 204 -8.14 5.70 22.73
C ILE A 204 -7.05 6.75 22.86
N ILE A 205 -6.60 7.32 21.76
CA ILE A 205 -5.49 8.30 21.80
C ILE A 205 -6.00 9.60 22.48
N GLY A 206 -7.23 9.98 22.19
CA GLY A 206 -7.81 11.11 22.93
C GLY A 206 -7.79 10.96 24.44
N LEU A 207 -8.29 9.83 24.94
CA LEU A 207 -8.38 9.62 26.40
C LEU A 207 -6.99 9.47 26.97
N SER A 208 -6.11 8.79 26.25
CA SER A 208 -4.83 8.37 26.88
C SER A 208 -3.71 9.39 26.80
N LEU A 209 -3.62 10.08 25.66
CA LEU A 209 -2.57 11.03 25.34
C LEU A 209 -2.98 12.51 25.15
N LEU A 210 -4.14 12.77 24.57
CA LEU A 210 -4.42 14.11 24.15
C LEU A 210 -5.42 14.87 24.99
N GLY A 211 -6.11 14.20 25.90
CA GLY A 211 -6.90 14.92 26.90
C GLY A 211 -8.32 15.24 26.48
N PHE A 212 -8.97 14.34 25.71
CA PHE A 212 -10.31 14.58 25.25
C PHE A 212 -10.98 13.27 24.87
N ASP A 213 -12.33 13.28 24.91
CA ASP A 213 -13.13 12.16 24.43
C ASP A 213 -13.91 12.67 23.22
N ILE A 214 -14.46 11.72 22.48
CA ILE A 214 -15.28 12.05 21.31
C ILE A 214 -16.54 12.65 21.94
N PRO A 215 -16.95 13.89 21.54
CA PRO A 215 -18.01 14.55 22.32
C PRO A 215 -19.24 13.71 22.57
N HIS A 216 -19.73 13.72 23.81
CA HIS A 216 -20.81 12.83 24.25
C HIS A 216 -22.20 13.19 23.69
N ASN A 217 -22.33 14.38 23.14
CA ASN A 217 -23.60 14.82 22.56
C ASN A 217 -23.82 14.28 21.14
N PHE A 218 -22.79 13.69 20.54
CA PHE A 218 -22.89 13.12 19.20
C PHE A 218 -23.47 11.70 19.27
N THR A 219 -24.77 11.60 19.52
CA THR A 219 -25.39 10.32 19.84
C THR A 219 -25.38 9.30 18.71
N HIS A 220 -25.61 9.77 17.47
CA HIS A 220 -25.62 8.88 16.30
C HIS A 220 -24.22 8.33 16.04
N LEU A 221 -23.22 9.20 16.21
CA LEU A 221 -21.82 8.76 16.05
C LEU A 221 -21.51 7.72 17.09
N TRP A 222 -21.91 8.00 18.35
CA TRP A 222 -21.60 7.06 19.44
C TRP A 222 -22.34 5.76 19.20
N ALA A 223 -23.55 5.84 18.63
CA ALA A 223 -24.24 4.63 18.25
C ALA A 223 -23.49 3.77 17.19
N TYR A 224 -22.85 4.46 16.26
CA TYR A 224 -22.05 3.82 15.23
C TYR A 224 -20.77 3.20 15.87
N ILE A 225 -20.20 3.89 16.85
CA ILE A 225 -19.05 3.30 17.56
C ILE A 225 -19.53 2.04 18.32
N LEU A 226 -20.67 2.13 18.97
CA LEU A 226 -21.28 0.95 19.59
C LEU A 226 -21.49 -0.19 18.57
N THR A 227 -22.00 0.15 17.40
CA THR A 227 -22.11 -0.81 16.32
C THR A 227 -20.74 -1.46 16.06
N ALA A 228 -19.68 -0.66 16.03
CA ALA A 228 -18.33 -1.22 15.84
C ALA A 228 -18.00 -2.30 16.88
N TYR A 229 -18.23 -1.94 18.11
CA TYR A 229 -17.91 -2.74 19.28
C TYR A 229 -18.83 -3.96 19.39
N ARG A 230 -19.85 -4.04 18.50
CA ARG A 230 -20.70 -5.24 18.37
C ARG A 230 -20.54 -6.00 17.01
N THR A 231 -19.61 -5.55 16.16
CA THR A 231 -19.35 -6.14 14.87
C THR A 231 -18.11 -7.04 15.00
N ALA A 232 -18.29 -8.34 14.87
CA ALA A 232 -17.23 -9.28 15.05
C ALA A 232 -16.03 -8.91 14.18
N ALA A 233 -16.25 -8.50 12.95
CA ALA A 233 -15.11 -8.10 12.04
C ALA A 233 -14.22 -7.06 12.70
N PHE A 234 -14.83 -6.11 13.36
CA PHE A 234 -14.09 -5.08 14.07
C PHE A 234 -13.38 -5.64 15.32
N ILE A 235 -14.17 -6.35 16.14
CA ILE A 235 -13.68 -6.83 17.41
C ILE A 235 -12.47 -7.73 17.20
N GLU A 236 -12.59 -8.67 16.27
CA GLU A 236 -11.53 -9.67 16.09
C GLU A 236 -10.22 -9.06 15.60
N SER A 237 -10.31 -7.96 14.87
CA SER A 237 -9.14 -7.33 14.25
C SER A 237 -8.64 -6.13 15.03
N CYS A 238 -9.19 -5.87 16.19
CA CYS A 238 -8.92 -4.61 16.91
C CYS A 238 -7.73 -4.79 17.85
N PRO A 239 -6.72 -3.91 17.71
CA PRO A 239 -5.57 -4.09 18.58
C PRO A 239 -5.88 -3.68 19.99
N ALA A 240 -5.07 -4.16 20.96
CA ALA A 240 -5.21 -3.71 22.34
C ALA A 240 -4.88 -2.21 22.51
N ASP A 241 -5.49 -1.61 23.55
CA ASP A 241 -5.28 -0.21 23.85
C ASP A 241 -3.79 0.17 23.87
N GLN A 242 -3.00 -0.68 24.52
CA GLN A 242 -1.59 -0.38 24.70
C GLN A 242 -0.82 -0.37 23.40
N ASP A 243 -1.26 -1.21 22.45
CA ASP A 243 -0.61 -1.27 21.17
C ASP A 243 -1.04 -0.10 20.25
N ILE A 244 -2.26 0.43 20.45
CA ILE A 244 -2.64 1.61 19.72
C ILE A 244 -1.79 2.78 20.23
N ILE A 245 -1.72 2.94 21.55
CA ILE A 245 -0.94 4.02 22.18
C ILE A 245 0.51 3.92 21.73
N HIS A 246 1.08 2.72 21.77
CA HIS A 246 2.49 2.55 21.40
C HIS A 246 2.78 2.84 19.95
N HIS A 247 1.82 2.53 19.07
CA HIS A 247 1.95 2.79 17.67
C HIS A 247 2.21 4.27 17.44
N TYR A 248 1.37 5.12 18.03
CA TYR A 248 1.50 6.56 17.82
C TYR A 248 2.72 7.04 18.60
N LYS A 249 2.97 6.46 19.77
CA LYS A 249 4.18 6.90 20.53
C LYS A 249 5.46 6.63 19.77
N GLU A 250 5.58 5.45 19.15
CA GLU A 250 6.81 5.05 18.47
C GLU A 250 7.11 5.93 17.24
N GLN A 251 6.07 6.44 16.59
CA GLN A 251 6.25 7.37 15.46
C GLN A 251 6.35 8.88 15.87
N MET A 252 5.58 9.28 16.90
N MET A 252 5.65 9.27 16.93
CA MET A 252 5.64 10.63 17.49
CA MET A 252 5.74 10.65 17.47
C MET A 252 6.89 10.74 18.43
C MET A 252 7.00 10.80 18.32
N ASN A 253 7.79 9.73 18.41
CA ASN A 253 8.90 9.63 19.36
C ASN A 253 8.55 10.15 20.76
N LEU A 254 7.63 9.47 21.42
CA LEU A 254 7.28 9.71 22.83
C LEU A 254 7.60 8.47 23.66
N PHE A 255 7.91 8.70 24.93
CA PHE A 255 8.55 7.65 25.74
C PHE A 255 7.59 6.66 26.39
N THR A 256 7.93 5.39 26.20
CA THR A 256 7.21 4.27 26.79
C THR A 256 8.11 3.62 27.82
N ASN A 257 7.81 3.80 29.11
CA ASN A 257 8.60 3.18 30.17
C ASN A 257 8.36 1.67 30.30
N GLN A 258 9.05 1.05 31.25
CA GLN A 258 8.93 -0.40 31.49
C GLN A 258 7.54 -0.84 31.95
N ARG A 259 6.85 0.05 32.67
CA ARG A 259 5.54 -0.27 33.25
C ARG A 259 4.47 -0.52 32.19
N GLU A 260 4.20 0.50 31.37
CA GLU A 260 3.18 0.38 30.30
C GLU A 260 3.60 -0.56 29.15
N THR A 261 4.89 -0.91 29.16
CA THR A 261 5.45 -1.93 28.30
C THR A 261 5.09 -3.28 28.91
N LEU A 262 5.00 -3.30 30.23
CA LEU A 262 4.53 -4.48 30.96
C LEU A 262 3.04 -4.40 31.29
N GLN A 263 2.39 -3.27 30.96
CA GLN A 263 0.92 -3.20 31.11
C GLN A 263 0.34 -4.36 30.37
N SER A 264 -0.51 -5.12 31.06
CA SER A 264 -1.20 -6.26 30.49
C SER A 264 -2.21 -5.69 29.50
N PRO A 265 -2.35 -6.32 28.33
CA PRO A 265 -3.16 -5.72 27.25
C PRO A 265 -4.65 -5.74 27.54
N THR A 266 -5.33 -4.64 27.22
CA THR A 266 -6.77 -4.55 27.40
C THR A 266 -7.36 -3.94 26.14
N LYS A 267 -8.66 -4.15 25.91
CA LYS A 267 -9.34 -3.61 24.77
C LYS A 267 -10.58 -2.88 25.29
N THR A 268 -10.51 -1.57 25.35
CA THR A 268 -11.56 -0.76 25.94
C THR A 268 -12.62 -0.48 24.88
N HIS A 269 -13.72 -1.22 24.96
CA HIS A 269 -14.86 -1.06 24.09
C HIS A 269 -16.07 -0.69 24.92
N THR A 270 -16.03 0.50 25.49
CA THR A 270 -17.00 0.95 26.47
C THR A 270 -17.53 2.29 26.08
N ILE A 271 -18.84 2.38 25.97
CA ILE A 271 -19.54 3.59 25.67
C ILE A 271 -19.83 4.38 26.96
N PRO A 272 -19.63 5.71 26.95
CA PRO A 272 -20.00 6.44 28.17
C PRO A 272 -21.46 6.20 28.60
N GLU A 273 -21.67 6.32 29.91
CA GLU A 273 -22.95 5.93 30.50
C GLU A 273 -24.15 6.71 29.97
N LYS A 274 -24.02 8.04 30.00
CA LYS A 274 -25.13 8.93 29.62
C LYS A 274 -25.36 8.80 28.14
N VAL A 275 -24.31 8.52 27.40
CA VAL A 275 -24.42 8.32 25.93
C VAL A 275 -25.17 7.04 25.62
N LEU A 276 -24.91 5.99 26.39
CA LEU A 276 -25.59 4.72 26.18
C LEU A 276 -27.09 4.88 26.46
N SER A 277 -27.40 5.65 27.49
CA SER A 277 -28.79 5.96 27.81
C SER A 277 -29.43 6.74 26.67
N ASP A 278 -28.74 7.78 26.17
CA ASP A 278 -29.23 8.60 25.05
C ASP A 278 -29.50 7.70 23.84
N ILE A 279 -28.60 6.74 23.59
CA ILE A 279 -28.79 5.78 22.47
C ILE A 279 -30.05 4.94 22.66
N ARG A 280 -30.22 4.40 23.87
CA ARG A 280 -31.39 3.60 24.23
C ARG A 280 -32.68 4.41 24.11
N VAL A 281 -32.65 5.68 24.52
CA VAL A 281 -33.87 6.50 24.53
C VAL A 281 -34.25 7.02 23.15
N LYS A 282 -33.41 6.76 22.15
CA LYS A 282 -33.75 7.06 20.76
C LYS A 282 -33.88 5.78 19.91
N GLY A 283 -33.71 4.63 20.54
CA GLY A 283 -33.74 3.36 19.83
C GLY A 283 -32.66 3.24 18.76
N LEU A 284 -31.45 3.69 19.09
CA LEU A 284 -30.32 3.64 18.15
C LEU A 284 -29.44 2.40 18.28
N ALA A 285 -29.87 1.42 19.05
CA ALA A 285 -29.05 0.21 19.23
C ALA A 285 -29.88 -1.05 19.03
N SER B 16 -2.95 27.65 -12.21
CA SER B 16 -4.35 27.13 -12.29
C SER B 16 -4.38 25.63 -12.54
N LYS B 17 -3.22 24.98 -12.45
CA LYS B 17 -3.12 23.54 -12.56
C LYS B 17 -2.50 22.99 -11.28
N PRO B 18 -2.93 21.81 -10.85
CA PRO B 18 -2.51 21.31 -9.52
C PRO B 18 -1.01 21.07 -9.39
N LEU B 19 -0.45 21.43 -8.23
CA LEU B 19 0.87 21.05 -7.82
C LEU B 19 0.80 19.77 -6.97
N LEU B 20 1.48 18.73 -7.45
CA LEU B 20 1.59 17.45 -6.78
C LEU B 20 3.04 17.16 -6.44
N GLU B 21 3.35 16.98 -5.16
CA GLU B 21 4.71 16.67 -4.72
C GLU B 21 4.80 15.20 -4.36
N LEU B 22 5.75 14.51 -4.98
CA LEU B 22 5.93 13.06 -4.76
C LEU B 22 7.19 12.81 -3.93
N TYR B 23 7.01 12.10 -2.83
CA TYR B 23 8.14 11.71 -2.01
C TYR B 23 8.53 10.31 -2.41
N VAL B 24 9.80 10.13 -2.78
CA VAL B 24 10.32 8.84 -3.14
C VAL B 24 11.42 8.40 -2.16
N LYS B 25 11.55 7.09 -2.00
CA LYS B 25 12.52 6.55 -1.08
C LYS B 25 13.92 6.81 -1.62
N ALA B 26 14.82 7.33 -0.79
CA ALA B 26 16.22 7.54 -1.24
C ALA B 26 17.06 6.27 -1.30
N SER B 27 18.12 6.30 -2.11
CA SER B 27 19.15 5.29 -2.12
C SER B 27 19.74 5.11 -0.72
N GLY B 28 20.02 3.86 -0.39
CA GLY B 28 20.65 3.51 0.90
C GLY B 28 22.14 3.82 0.88
N ILE B 29 22.72 3.97 -0.33
CA ILE B 29 24.15 4.32 -0.50
C ILE B 29 24.38 5.83 -0.38
N ASP B 30 23.62 6.60 -1.13
CA ASP B 30 23.68 8.08 -1.06
C ASP B 30 22.27 8.66 -1.05
N ALA B 31 21.84 9.19 0.11
CA ALA B 31 20.45 9.69 0.26
C ALA B 31 20.06 10.85 -0.67
N ARG B 32 21.01 11.38 -1.41
CA ARG B 32 20.74 12.40 -2.41
C ARG B 32 20.22 11.81 -3.70
N ARG B 33 20.52 10.52 -3.92
CA ARG B 33 20.11 9.83 -5.14
C ARG B 33 18.79 9.13 -4.90
N ILE B 34 18.01 9.07 -5.97
CA ILE B 34 16.71 8.42 -5.91
C ILE B 34 16.93 6.91 -5.72
N GLY B 35 16.05 6.26 -4.96
CA GLY B 35 16.10 4.80 -4.79
C GLY B 35 15.36 4.05 -5.88
N ALA B 36 15.23 2.74 -5.66
CA ALA B 36 14.78 1.76 -6.66
C ALA B 36 13.42 1.15 -6.32
N ASP B 37 12.63 1.82 -5.51
CA ASP B 37 11.28 1.33 -5.16
C ASP B 37 10.44 1.40 -6.42
N LEU B 38 9.78 0.30 -6.77
CA LEU B 38 9.11 0.20 -8.05
C LEU B 38 7.81 1.02 -8.07
N PHE B 39 7.23 1.18 -6.90
CA PHE B 39 5.96 1.92 -6.79
C PHE B 39 6.20 3.44 -6.87
N CYS B 40 7.34 3.88 -6.35
CA CYS B 40 7.83 5.23 -6.60
C CYS B 40 8.04 5.48 -8.11
N GLN B 41 8.67 4.53 -8.80
CA GLN B 41 8.89 4.81 -10.23
C GLN B 41 7.59 4.80 -11.02
N GLU B 42 6.68 3.91 -10.63
CA GLU B 42 5.37 3.85 -11.31
C GLU B 42 4.66 5.17 -11.24
N PHE B 43 4.45 5.71 -10.03
CA PHE B 43 3.77 7.00 -9.91
C PHE B 43 4.53 8.18 -10.49
N TRP B 44 5.87 8.17 -10.38
CA TRP B 44 6.66 9.25 -10.95
C TRP B 44 6.46 9.27 -12.48
N MET B 45 6.49 8.10 -13.06
CA MET B 45 6.23 7.98 -14.51
C MET B 45 4.88 8.57 -14.91
N GLU B 46 3.86 8.25 -14.12
CA GLU B 46 2.52 8.76 -14.38
C GLU B 46 2.50 10.27 -14.26
N LEU B 47 3.04 10.75 -13.17
CA LEU B 47 3.10 12.18 -12.95
C LEU B 47 3.87 12.92 -14.05
N TYR B 48 4.97 12.33 -14.55
CA TYR B 48 5.75 12.92 -15.61
C TYR B 48 4.89 13.06 -16.87
N ALA B 49 4.08 12.04 -17.13
CA ALA B 49 3.22 12.02 -18.32
C ALA B 49 2.24 13.20 -18.27
N LEU B 50 1.76 13.51 -17.08
CA LEU B 50 0.87 14.64 -16.91
C LEU B 50 1.62 15.96 -16.93
N TYR B 51 2.81 15.96 -16.34
CA TYR B 51 3.70 17.11 -16.32
C TYR B 51 4.11 17.53 -17.74
N GLU B 52 4.58 16.58 -18.55
CA GLU B 52 5.03 16.82 -19.93
C GLU B 52 4.05 17.67 -20.72
N ILE B 53 2.77 17.43 -20.52
CA ILE B 53 1.72 18.06 -21.32
C ILE B 53 1.05 19.21 -20.56
N GLY B 54 1.71 19.69 -19.52
CA GLY B 54 1.20 20.84 -18.75
C GLY B 54 -0.09 20.64 -17.97
N VAL B 55 -0.48 19.39 -17.69
CA VAL B 55 -1.71 19.14 -16.92
C VAL B 55 -1.48 19.25 -15.40
N ALA B 56 -0.24 19.03 -14.95
CA ALA B 56 0.04 19.14 -13.52
C ALA B 56 1.40 19.76 -13.32
N ARG B 57 1.55 20.47 -12.21
CA ARG B 57 2.85 20.86 -11.71
C ARG B 57 3.32 19.71 -10.81
N VAL B 58 4.60 19.39 -10.90
CA VAL B 58 5.16 18.24 -10.20
C VAL B 58 6.55 18.52 -9.66
N GLU B 59 6.73 18.30 -8.36
CA GLU B 59 8.04 18.25 -7.73
C GLU B 59 8.25 16.84 -7.17
N VAL B 60 9.44 16.33 -7.34
CA VAL B 60 9.84 15.08 -6.70
C VAL B 60 10.93 15.27 -5.67
N LYS B 61 10.74 14.69 -4.50
CA LYS B 61 11.68 14.79 -3.40
C LYS B 61 12.12 13.43 -2.91
N THR B 62 13.41 13.26 -2.67
CA THR B 62 13.91 12.06 -2.10
C THR B 62 13.82 12.16 -0.60
N VAL B 63 13.56 11.03 0.06
CA VAL B 63 13.56 10.97 1.52
C VAL B 63 14.25 9.71 2.07
N ASN B 64 14.93 9.91 3.18
CA ASN B 64 15.49 8.83 3.92
C ASN B 64 14.45 8.31 4.90
N VAL B 65 13.95 7.10 4.64
CA VAL B 65 12.82 6.56 5.39
C VAL B 65 13.13 6.21 6.84
N ASN B 66 14.42 6.08 7.17
CA ASN B 66 14.80 5.84 8.57
C ASN B 66 14.85 7.12 9.42
N SER B 67 14.74 8.27 8.78
CA SER B 67 14.93 9.54 9.48
C SER B 67 13.80 9.83 10.47
N GLU B 68 14.12 10.59 11.52
CA GLU B 68 13.16 10.90 12.57
C GLU B 68 12.04 11.79 12.05
N ALA B 69 12.38 12.79 11.25
CA ALA B 69 11.39 13.72 10.74
C ALA B 69 10.40 12.99 9.82
N PHE B 70 10.90 12.03 9.04
CA PHE B 70 10.02 11.25 8.14
C PHE B 70 8.97 10.46 8.90
N LYS B 71 9.41 9.78 9.96
CA LYS B 71 8.53 8.95 10.77
C LYS B 71 7.46 9.78 11.42
N LYS B 72 7.85 10.95 11.92
CA LYS B 72 6.94 11.79 12.70
C LYS B 72 5.95 12.49 11.76
N ASN B 73 6.44 12.89 10.58
CA ASN B 73 5.62 13.59 9.59
C ASN B 73 4.56 12.72 8.91
N PHE B 74 4.83 11.42 8.79
CA PHE B 74 3.90 10.50 8.10
C PHE B 74 3.44 9.31 8.93
N LEU B 75 3.79 9.32 10.22
CA LEU B 75 3.32 8.33 11.16
C LEU B 75 3.48 6.90 10.66
N GLY B 76 4.66 6.61 10.10
CA GLY B 76 4.98 5.27 9.65
C GLY B 76 4.56 4.90 8.24
N ALA B 77 4.03 5.87 7.49
CA ALA B 77 3.72 5.61 6.07
C ALA B 77 5.05 5.55 5.34
N GLN B 78 5.11 4.79 4.24
CA GLN B 78 6.33 4.70 3.47
C GLN B 78 6.17 5.30 2.08
N PRO B 79 7.27 5.74 1.48
CA PRO B 79 7.14 6.20 0.09
C PRO B 79 6.63 5.05 -0.80
N PRO B 80 5.89 5.37 -1.87
CA PRO B 80 5.49 6.69 -2.34
C PRO B 80 4.41 7.36 -1.50
N ILE B 81 4.59 8.66 -1.29
CA ILE B 81 3.65 9.56 -0.69
C ILE B 81 3.54 10.78 -1.57
N MET B 82 2.33 11.19 -1.84
CA MET B 82 2.07 12.34 -2.69
C MET B 82 1.29 13.40 -1.92
N ILE B 83 1.72 14.65 -2.04
CA ILE B 83 1.14 15.78 -1.30
C ILE B 83 0.55 16.79 -2.26
N GLU B 84 -0.65 17.27 -1.94
CA GLU B 84 -1.33 18.31 -2.71
C GLU B 84 -1.68 19.42 -1.72
N GLU B 85 -0.68 20.23 -1.39
CA GLU B 85 -0.81 21.24 -0.32
C GLU B 85 -1.96 22.24 -0.52
N GLU B 86 -2.21 22.61 -1.78
CA GLU B 86 -3.29 23.57 -2.05
C GLU B 86 -4.62 23.04 -1.55
N LYS B 87 -4.78 21.72 -1.49
CA LYS B 87 -5.99 21.12 -0.96
C LYS B 87 -5.83 20.61 0.47
N GLU B 88 -4.65 20.78 1.06
CA GLU B 88 -4.34 20.22 2.39
C GLU B 88 -4.43 18.69 2.44
N LEU B 89 -4.16 18.06 1.29
CA LEU B 89 -4.32 16.61 1.13
C LEU B 89 -2.98 15.92 1.04
N THR B 90 -2.88 14.81 1.76
CA THR B 90 -1.73 13.93 1.73
C THR B 90 -2.22 12.55 1.32
N TYR B 91 -1.67 12.02 0.23
CA TYR B 91 -2.05 10.69 -0.25
C TYR B 91 -0.93 9.72 0.13
N THR B 92 -1.10 8.95 1.21
CA THR B 92 -0.07 8.02 1.64
C THR B 92 -0.28 6.59 1.09
N ASP B 93 -1.49 6.28 0.66
CA ASP B 93 -1.82 4.93 0.26
C ASP B 93 -1.82 4.89 -1.27
N ASN B 94 -1.28 3.81 -1.81
CA ASN B 94 -1.19 3.67 -3.27
C ASN B 94 -2.51 3.77 -3.98
N ARG B 95 -3.58 3.36 -3.29
CA ARG B 95 -4.90 3.47 -3.86
C ARG B 95 -5.26 4.96 -4.03
N GLU B 96 -4.92 5.75 -3.02
CA GLU B 96 -5.19 7.22 -2.99
C GLU B 96 -4.37 7.93 -4.05
N ILE B 97 -3.08 7.59 -4.15
CA ILE B 97 -2.19 8.25 -5.13
C ILE B 97 -2.68 7.95 -6.57
N GLU B 98 -2.90 6.69 -6.87
CA GLU B 98 -3.41 6.29 -8.16
C GLU B 98 -4.77 6.95 -8.46
N GLY B 99 -5.63 6.99 -7.44
CA GLY B 99 -7.00 7.49 -7.68
C GLY B 99 -6.94 8.97 -8.08
N ARG B 100 -6.03 9.73 -7.46
CA ARG B 100 -5.91 11.17 -7.70
C ARG B 100 -5.33 11.42 -9.09
N ILE B 101 -4.32 10.63 -9.44
CA ILE B 101 -3.72 10.75 -10.76
C ILE B 101 -4.73 10.33 -11.84
N PHE B 102 -5.49 9.27 -11.60
CA PHE B 102 -6.54 8.79 -12.51
C PHE B 102 -7.60 9.91 -12.68
N HIS B 103 -8.04 10.50 -11.57
CA HIS B 103 -9.04 11.61 -11.64
C HIS B 103 -8.53 12.72 -12.53
N LEU B 104 -7.25 13.08 -12.37
CA LEU B 104 -6.65 14.17 -13.15
C LEU B 104 -6.48 13.78 -14.60
N ALA B 105 -6.08 12.55 -14.87
CA ALA B 105 -5.94 12.10 -16.24
C ALA B 105 -7.30 12.20 -16.98
N LYS B 106 -8.34 11.72 -16.30
CA LYS B 106 -9.72 11.67 -16.79
C LYS B 106 -10.31 13.06 -17.00
N GLU B 107 -9.95 13.99 -16.11
CA GLU B 107 -10.37 15.38 -16.19
C GLU B 107 -9.87 16.09 -17.42
N PHE B 108 -8.62 15.79 -17.82
CA PHE B 108 -7.98 16.46 -18.94
C PHE B 108 -7.84 15.53 -20.14
N ASN B 109 -8.69 14.50 -20.17
CA ASN B 109 -8.81 13.54 -21.25
C ASN B 109 -7.50 12.88 -21.67
N VAL B 110 -6.65 12.55 -20.69
CA VAL B 110 -5.36 11.93 -20.96
C VAL B 110 -5.54 10.42 -20.81
N PRO B 111 -5.22 9.65 -21.86
CA PRO B 111 -5.53 8.21 -21.95
C PRO B 111 -4.50 7.35 -21.20
N LEU B 112 -4.19 7.74 -19.98
CA LEU B 112 -3.10 7.11 -19.22
C LEU B 112 -3.50 5.82 -18.56
N PHE B 113 -4.78 5.71 -18.19
CA PHE B 113 -5.30 4.50 -17.57
C PHE B 113 -6.25 3.70 -18.42
N GLU B 114 -6.04 2.39 -18.41
CA GLU B 114 -6.90 1.42 -19.03
C GLU B 114 -6.88 0.15 -18.21
N LYS B 115 -7.89 -0.69 -18.39
CA LYS B 115 -7.93 -1.98 -17.74
C LYS B 115 -7.65 -3.07 -18.77
N ASP B 116 -6.71 -3.96 -18.43
CA ASP B 116 -6.25 -4.98 -19.33
C ASP B 116 -5.77 -6.14 -18.43
N PRO B 117 -6.66 -7.11 -18.19
CA PRO B 117 -6.33 -8.25 -17.34
C PRO B 117 -5.16 -9.07 -17.84
N SER B 118 -4.94 -9.10 -19.15
N SER B 118 -4.91 -9.11 -19.15
CA SER B 118 -3.81 -9.79 -19.73
CA SER B 118 -3.77 -9.83 -19.71
C SER B 118 -2.50 -9.11 -19.25
C SER B 118 -2.43 -9.14 -19.39
N ALA B 119 -2.39 -7.81 -19.48
CA ALA B 119 -1.16 -7.11 -19.00
C ALA B 119 -0.98 -7.37 -17.49
N GLU B 120 -2.07 -7.25 -16.74
CA GLU B 120 -2.00 -7.42 -15.27
C GLU B 120 -1.40 -8.74 -14.96
N LYS B 121 -1.87 -9.79 -15.61
CA LYS B 121 -1.33 -11.14 -15.30
C LYS B 121 0.13 -11.33 -15.73
N ARG B 122 0.47 -10.83 -16.89
CA ARG B 122 1.82 -10.95 -17.38
C ARG B 122 2.80 -10.25 -16.43
N ILE B 123 2.44 -9.04 -16.00
CA ILE B 123 3.31 -8.27 -15.11
C ILE B 123 3.53 -9.00 -13.79
N GLU B 124 2.45 -9.48 -13.19
CA GLU B 124 2.55 -10.12 -11.87
C GLU B 124 3.38 -11.36 -11.99
N ASN B 125 3.12 -12.15 -13.03
CA ASN B 125 3.70 -13.48 -13.14
C ASN B 125 5.18 -13.42 -13.44
N LEU B 126 5.57 -12.40 -14.21
CA LEU B 126 6.97 -12.18 -14.54
C LEU B 126 7.72 -11.87 -13.28
N TYR B 127 7.27 -10.86 -12.54
CA TYR B 127 8.02 -10.44 -11.36
C TYR B 127 8.00 -11.50 -10.25
N ARG B 128 6.89 -12.19 -10.10
CA ARG B 128 6.82 -13.32 -9.16
C ARG B 128 7.94 -14.35 -9.41
N ASN B 129 8.09 -14.76 -10.66
CA ASN B 129 9.10 -15.75 -11.05
C ASN B 129 10.50 -15.15 -10.94
N PHE B 130 10.62 -13.86 -11.21
CA PHE B 130 11.90 -13.20 -11.05
C PHE B 130 12.34 -13.31 -9.59
N LYS B 131 11.42 -12.97 -8.67
CA LYS B 131 11.71 -12.98 -7.21
C LYS B 131 12.11 -14.40 -6.77
N LEU B 132 11.44 -15.44 -7.27
CA LEU B 132 11.76 -16.81 -6.84
C LEU B 132 13.17 -17.14 -7.30
N PHE B 133 13.48 -16.77 -8.53
CA PHE B 133 14.78 -17.09 -9.10
C PHE B 133 15.89 -16.35 -8.37
N LEU B 134 15.66 -15.07 -8.09
CA LEU B 134 16.65 -14.22 -7.39
C LEU B 134 17.00 -14.89 -6.05
N ARG B 135 15.98 -15.30 -5.33
CA ARG B 135 16.20 -15.87 -4.01
C ARG B 135 16.89 -17.23 -4.12
N ALA B 136 16.41 -18.08 -5.01
CA ALA B 136 16.98 -19.41 -5.21
C ALA B 136 18.47 -19.36 -5.61
N LYS B 137 18.80 -18.44 -6.53
CA LYS B 137 20.16 -18.35 -7.07
C LYS B 137 21.12 -17.70 -6.06
N VAL B 138 20.69 -16.63 -5.42
CA VAL B 138 21.49 -16.02 -4.36
C VAL B 138 21.79 -17.04 -3.26
N GLU B 139 20.78 -17.79 -2.82
CA GLU B 139 21.01 -18.78 -1.75
C GLU B 139 21.95 -19.87 -2.26
N PHE B 140 21.77 -20.31 -3.50
CA PHE B 140 22.64 -21.34 -4.09
C PHE B 140 24.09 -20.86 -4.18
N ASP B 141 24.28 -19.58 -4.50
CA ASP B 141 25.62 -18.99 -4.70
C ASP B 141 26.28 -18.50 -3.42
N LYS B 142 25.56 -18.60 -2.30
CA LYS B 142 26.06 -18.12 -1.00
C LYS B 142 27.53 -18.49 -0.78
N SER B 148 27.77 -19.12 -9.41
CA SER B 148 27.57 -20.09 -10.49
C SER B 148 27.16 -19.47 -11.83
N ARG B 149 27.28 -20.29 -12.85
CA ARG B 149 26.85 -19.98 -14.20
C ARG B 149 25.47 -20.60 -14.39
N VAL B 150 24.54 -19.88 -15.00
CA VAL B 150 23.18 -20.38 -15.16
C VAL B 150 23.17 -21.74 -15.86
N GLU B 151 24.01 -21.91 -16.87
CA GLU B 151 24.07 -23.14 -17.68
C GLU B 151 24.37 -24.37 -16.84
N ASP B 152 25.16 -24.18 -15.79
CA ASP B 152 25.57 -25.26 -14.90
C ASP B 152 24.61 -25.52 -13.74
N LEU B 153 23.58 -24.67 -13.58
CA LEU B 153 22.67 -24.81 -12.45
C LEU B 153 21.98 -26.17 -12.38
N PRO B 154 21.86 -26.72 -11.17
CA PRO B 154 21.13 -27.98 -11.07
C PRO B 154 19.63 -27.75 -11.23
N ALA B 155 18.92 -28.82 -11.52
CA ALA B 155 17.55 -28.75 -11.97
C ALA B 155 16.69 -27.89 -11.07
N GLN B 156 16.93 -28.00 -9.77
CA GLN B 156 16.03 -27.41 -8.81
C GLN B 156 16.20 -25.88 -8.75
N ILE B 157 17.33 -25.38 -9.25
CA ILE B 157 17.51 -23.94 -9.36
C ILE B 157 17.23 -23.50 -10.79
N LYS B 158 17.72 -24.30 -11.75
CA LYS B 158 17.56 -23.96 -13.17
C LYS B 158 16.09 -23.78 -13.51
N VAL B 159 15.20 -24.56 -12.89
CA VAL B 159 13.77 -24.41 -13.23
C VAL B 159 13.22 -23.00 -12.98
N HIS B 160 13.70 -22.32 -11.95
CA HIS B 160 13.27 -20.94 -11.71
C HIS B 160 13.71 -19.97 -12.84
N TYR B 161 14.94 -20.15 -13.30
CA TYR B 161 15.47 -19.40 -14.43
C TYR B 161 14.62 -19.63 -15.68
N ASN B 162 14.32 -20.88 -15.96
CA ASN B 162 13.50 -21.22 -17.13
C ASN B 162 12.11 -20.57 -17.06
N ARG B 163 11.53 -20.54 -15.85
CA ARG B 163 10.24 -19.95 -15.66
C ARG B 163 10.29 -18.43 -15.83
N VAL B 164 11.39 -17.80 -15.44
CA VAL B 164 11.56 -16.38 -15.74
C VAL B 164 11.58 -16.20 -17.27
N CYS B 165 12.41 -16.99 -17.96
CA CYS B 165 12.49 -16.88 -19.42
C CYS B 165 11.12 -17.12 -20.05
N GLU B 166 10.33 -18.02 -19.49
CA GLU B 166 9.01 -18.32 -20.05
C GLU B 166 8.09 -17.10 -19.99
N GLN B 167 8.14 -16.38 -18.87
CA GLN B 167 7.34 -15.20 -18.71
C GLN B 167 7.82 -14.07 -19.64
N LEU B 168 9.15 -13.93 -19.78
CA LEU B 168 9.70 -12.95 -20.70
C LEU B 168 9.19 -13.25 -22.12
N SER B 169 9.24 -14.52 -22.49
CA SER B 169 8.69 -15.00 -23.80
C SER B 169 7.23 -14.67 -23.94
N ASN B 170 6.46 -14.87 -22.88
CA ASN B 170 5.03 -14.58 -22.94
C ASN B 170 4.78 -13.11 -23.27
N ILE B 171 5.55 -12.21 -22.64
CA ILE B 171 5.42 -10.79 -22.93
C ILE B 171 5.89 -10.47 -24.36
N ASP B 172 6.96 -11.12 -24.79
CA ASP B 172 7.42 -11.00 -26.19
C ASP B 172 6.31 -11.35 -27.15
N GLN B 173 5.61 -12.43 -26.83
CA GLN B 173 4.50 -12.93 -27.64
C GLN B 173 3.35 -11.93 -27.67
N LEU B 174 3.01 -11.37 -26.51
CA LEU B 174 1.91 -10.40 -26.39
C LEU B 174 2.21 -9.16 -27.22
N LEU B 175 3.42 -8.63 -27.09
CA LEU B 175 3.85 -7.47 -27.86
C LEU B 175 3.87 -7.75 -29.34
N SER B 176 4.21 -8.97 -29.68
CA SER B 176 4.25 -9.43 -31.08
C SER B 176 2.85 -9.61 -31.67
N GLU B 177 1.87 -9.99 -30.86
CA GLU B 177 0.49 -10.05 -31.34
C GLU B 177 -0.12 -8.64 -31.44
N ARG B 178 0.18 -7.76 -30.49
CA ARG B 178 -0.32 -6.38 -30.51
C ARG B 178 0.32 -5.41 -31.53
N LYS B 179 1.60 -5.64 -31.84
CA LYS B 179 2.37 -4.82 -32.80
C LYS B 179 2.35 -3.36 -32.43
N SER B 180 2.47 -3.11 -31.12
CA SER B 180 2.29 -1.81 -30.52
C SER B 180 3.61 -1.34 -29.92
N ARG B 181 3.80 -0.01 -29.87
CA ARG B 181 5.01 0.57 -29.29
C ARG B 181 5.04 0.40 -27.77
N TYR B 182 3.87 0.62 -27.15
CA TYR B 182 3.69 0.41 -25.70
C TYR B 182 2.79 -0.79 -25.50
N LEU B 183 2.54 -1.17 -24.23
CA LEU B 183 1.86 -2.46 -23.97
C LEU B 183 0.46 -2.54 -24.52
N LEU B 184 -0.27 -1.41 -24.55
CA LEU B 184 -1.69 -1.41 -24.97
C LEU B 184 -1.96 -0.69 -26.28
N GLY B 185 -0.95 -0.09 -26.87
CA GLY B 185 -1.15 0.68 -28.09
C GLY B 185 0.00 1.62 -28.28
N ASN B 186 -0.25 2.77 -28.91
CA ASN B 186 0.88 3.65 -29.21
C ASN B 186 1.14 4.73 -28.19
N SER B 187 0.38 4.72 -27.09
CA SER B 187 0.57 5.68 -26.02
C SER B 187 0.79 4.95 -24.67
N MET B 188 1.51 5.61 -23.77
CA MET B 188 1.94 4.99 -22.53
C MET B 188 0.78 4.88 -21.57
N THR B 189 0.69 3.75 -20.86
CA THR B 189 -0.37 3.56 -19.87
C THR B 189 0.21 3.15 -18.53
N GLU B 190 -0.65 3.08 -17.50
CA GLU B 190 -0.18 2.72 -16.14
C GLU B 190 0.60 1.38 -16.20
N TYR B 191 0.25 0.51 -17.13
CA TYR B 191 0.87 -0.80 -17.25
C TYR B 191 2.33 -0.74 -17.73
N ASP B 192 2.67 0.23 -18.60
CA ASP B 192 4.08 0.50 -18.89
C ASP B 192 4.79 1.04 -17.69
N CYS B 193 4.10 1.84 -16.89
CA CYS B 193 4.71 2.45 -15.68
C CYS B 193 5.07 1.36 -14.62
N GLU B 194 4.46 0.22 -14.77
CA GLU B 194 4.73 -0.95 -13.96
C GLU B 194 5.74 -1.90 -14.61
N LEU B 195 5.56 -2.21 -15.92
CA LEU B 195 6.38 -3.25 -16.54
C LEU B 195 7.79 -2.74 -16.86
N MET B 196 7.92 -1.51 -17.31
CA MET B 196 9.21 -1.06 -17.77
C MET B 196 10.24 -1.02 -16.61
N PRO B 197 9.83 -0.42 -15.49
CA PRO B 197 10.77 -0.56 -14.32
C PRO B 197 11.09 -2.02 -13.93
N ARG B 198 10.11 -2.94 -13.97
CA ARG B 198 10.40 -4.32 -13.63
C ARG B 198 11.36 -4.93 -14.62
N LEU B 199 11.18 -4.67 -15.92
CA LEU B 199 12.09 -5.24 -16.94
C LEU B 199 13.51 -4.70 -16.67
N HIS B 200 13.60 -3.40 -16.41
CA HIS B 200 14.93 -2.81 -16.28
C HIS B 200 15.59 -3.40 -15.03
N HIS B 201 14.79 -3.53 -13.94
CA HIS B 201 15.33 -4.16 -12.69
C HIS B 201 15.83 -5.56 -13.02
N ILE B 202 15.04 -6.32 -13.80
CA ILE B 202 15.42 -7.69 -14.16
C ILE B 202 16.77 -7.73 -14.92
N ARG B 203 16.93 -6.79 -15.84
CA ARG B 203 18.17 -6.63 -16.59
C ARG B 203 19.34 -6.37 -15.65
N ILE B 204 19.19 -5.36 -14.81
CA ILE B 204 20.33 -4.88 -14.00
C ILE B 204 20.70 -5.97 -13.00
N ILE B 205 19.71 -6.53 -12.32
CA ILE B 205 19.98 -7.60 -11.35
C ILE B 205 20.43 -8.90 -12.04
N GLY B 206 19.87 -9.19 -13.20
CA GLY B 206 20.31 -10.31 -14.01
C GLY B 206 21.80 -10.23 -14.34
N LEU B 207 22.24 -9.09 -14.83
CA LEU B 207 23.58 -8.96 -15.34
C LEU B 207 24.58 -8.95 -14.20
N SER B 208 24.19 -8.37 -13.07
CA SER B 208 25.12 -8.12 -11.94
C SER B 208 25.15 -9.19 -10.87
N LEU B 209 23.99 -9.75 -10.57
CA LEU B 209 23.88 -10.69 -9.47
C LEU B 209 23.59 -12.11 -9.90
N LEU B 210 22.86 -12.31 -11.00
CA LEU B 210 22.31 -13.63 -11.31
C LEU B 210 22.99 -14.38 -12.46
N GLY B 211 23.65 -13.65 -13.37
CA GLY B 211 24.30 -14.26 -14.51
C GLY B 211 23.45 -14.44 -15.74
N PHE B 212 22.56 -13.50 -16.01
CA PHE B 212 21.85 -13.57 -17.28
C PHE B 212 21.33 -12.25 -17.75
N ASP B 213 21.08 -12.14 -19.04
CA ASP B 213 20.37 -11.00 -19.59
C ASP B 213 19.08 -11.56 -20.18
N ILE B 214 18.21 -10.63 -20.58
CA ILE B 214 16.97 -11.01 -21.22
C ILE B 214 17.35 -11.67 -22.55
N PRO B 215 16.78 -12.85 -22.85
CA PRO B 215 17.15 -13.57 -24.06
C PRO B 215 17.11 -12.72 -25.35
N HIS B 216 18.22 -12.74 -26.09
CA HIS B 216 18.36 -11.87 -27.26
C HIS B 216 17.37 -12.12 -28.36
N ASN B 217 16.81 -13.32 -28.44
CA ASN B 217 15.81 -13.65 -29.46
C ASN B 217 14.39 -13.05 -29.27
N PHE B 218 14.13 -12.44 -28.10
CA PHE B 218 12.85 -11.80 -27.80
C PHE B 218 12.90 -10.37 -28.35
N THR B 219 12.85 -10.27 -29.68
CA THR B 219 13.02 -8.99 -30.33
C THR B 219 11.96 -7.96 -30.00
N HIS B 220 10.69 -8.38 -29.90
CA HIS B 220 9.65 -7.46 -29.50
C HIS B 220 9.84 -6.94 -28.06
N LEU B 221 10.20 -7.83 -27.15
CA LEU B 221 10.43 -7.42 -25.76
C LEU B 221 11.59 -6.41 -25.71
N TRP B 222 12.68 -6.71 -26.43
CA TRP B 222 13.82 -5.78 -26.51
C TRP B 222 13.43 -4.45 -27.14
N ALA B 223 12.56 -4.47 -28.16
CA ALA B 223 12.12 -3.22 -28.80
C ALA B 223 11.37 -2.36 -27.75
N TYR B 224 10.63 -3.07 -26.88
CA TYR B 224 9.85 -2.41 -25.84
C TYR B 224 10.78 -1.80 -24.79
N ILE B 225 11.87 -2.51 -24.48
CA ILE B 225 12.90 -1.97 -23.59
C ILE B 225 13.60 -0.77 -24.21
N LEU B 226 13.88 -0.83 -25.51
CA LEU B 226 14.40 0.36 -26.22
C LEU B 226 13.41 1.52 -26.10
N THR B 227 12.14 1.22 -26.34
CA THR B 227 11.10 2.24 -26.17
C THR B 227 11.13 2.87 -24.75
N ALA B 228 11.30 2.04 -23.72
CA ALA B 228 11.47 2.56 -22.38
C ALA B 228 12.63 3.57 -22.25
N TYR B 229 13.75 3.17 -22.83
CA TYR B 229 14.97 3.95 -22.75
C TYR B 229 14.91 5.22 -23.63
N ARG B 230 13.86 5.34 -24.46
CA ARG B 230 13.54 6.53 -25.24
C ARG B 230 12.34 7.34 -24.70
N THR B 231 11.81 6.93 -23.55
CA THR B 231 10.62 7.52 -22.99
C THR B 231 11.06 8.41 -21.82
N ALA B 232 10.87 9.72 -21.97
CA ALA B 232 11.29 10.69 -20.93
C ALA B 232 10.74 10.36 -19.54
N ALA B 233 9.48 9.96 -19.46
CA ALA B 233 8.90 9.55 -18.17
C ALA B 233 9.73 8.49 -17.47
N PHE B 234 10.17 7.48 -18.22
CA PHE B 234 11.00 6.41 -17.66
C PHE B 234 12.38 6.93 -17.30
N ILE B 235 12.98 7.62 -18.27
CA ILE B 235 14.37 8.05 -18.12
C ILE B 235 14.53 8.94 -16.89
N GLU B 236 13.61 9.87 -16.70
CA GLU B 236 13.73 10.87 -15.65
C GLU B 236 13.55 10.27 -14.27
N SER B 237 12.81 9.16 -14.21
CA SER B 237 12.49 8.49 -12.98
C SER B 237 13.35 7.28 -12.68
N CYS B 238 14.31 6.98 -13.55
CA CYS B 238 15.09 5.75 -13.41
C CYS B 238 16.26 5.83 -12.48
N PRO B 239 16.30 4.93 -11.47
CA PRO B 239 17.45 4.95 -10.56
C PRO B 239 18.74 4.50 -11.22
N ALA B 240 19.88 4.89 -10.65
CA ALA B 240 21.16 4.35 -11.14
C ALA B 240 21.31 2.85 -10.94
N ASP B 241 22.10 2.19 -11.77
CA ASP B 241 22.33 0.75 -11.60
C ASP B 241 22.75 0.39 -10.22
N GLN B 242 23.65 1.20 -9.63
CA GLN B 242 24.16 0.83 -8.32
C GLN B 242 23.08 0.83 -7.23
N ASP B 243 22.09 1.73 -7.37
CA ASP B 243 21.02 1.91 -6.43
C ASP B 243 19.96 0.77 -6.64
N ILE B 244 19.82 0.27 -7.86
CA ILE B 244 18.96 -0.92 -8.04
C ILE B 244 19.60 -2.13 -7.40
N ILE B 245 20.90 -2.29 -7.63
CA ILE B 245 21.62 -3.42 -7.05
C ILE B 245 21.58 -3.41 -5.51
N HIS B 246 21.81 -2.26 -4.90
CA HIS B 246 21.80 -2.09 -3.46
C HIS B 246 20.44 -2.32 -2.86
N HIS B 247 19.39 -1.92 -3.58
CA HIS B 247 18.04 -2.10 -3.09
C HIS B 247 17.79 -3.59 -2.76
N TYR B 248 18.10 -4.46 -3.70
CA TYR B 248 17.86 -5.90 -3.51
C TYR B 248 18.87 -6.52 -2.53
N LYS B 249 20.14 -6.15 -2.63
CA LYS B 249 21.10 -6.66 -1.66
C LYS B 249 20.72 -6.32 -0.22
N GLU B 250 20.30 -5.08 0.02
CA GLU B 250 19.92 -4.68 1.35
C GLU B 250 18.76 -5.50 1.90
N GLN B 251 17.70 -5.66 1.12
CA GLN B 251 16.56 -6.40 1.63
C GLN B 251 16.94 -7.88 1.83
N MET B 252 17.89 -8.39 1.04
CA MET B 252 18.31 -9.80 1.15
C MET B 252 19.45 -10.06 2.11
N ASN B 253 19.90 -9.01 2.78
CA ASN B 253 21.03 -9.12 3.74
C ASN B 253 22.27 -9.65 3.02
N LEU B 254 22.58 -9.05 1.87
CA LEU B 254 23.79 -9.36 1.12
C LEU B 254 24.80 -8.22 1.33
N PHE B 255 26.01 -8.52 1.81
CA PHE B 255 26.98 -7.45 2.05
C PHE B 255 27.41 -6.70 0.77
N THR B 256 27.55 -5.38 0.92
CA THR B 256 28.00 -4.47 -0.11
C THR B 256 29.25 -3.83 0.46
N ASN B 257 30.38 -4.08 -0.20
CA ASN B 257 31.64 -3.55 0.30
C ASN B 257 31.76 -2.11 -0.18
N GLN B 258 32.78 -1.41 0.31
CA GLN B 258 32.88 0.01 0.11
C GLN B 258 33.26 0.40 -1.31
N ARG B 259 34.06 -0.44 -1.97
CA ARG B 259 34.35 -0.21 -3.39
C ARG B 259 33.03 -0.03 -4.14
N GLU B 260 32.13 -1.00 -3.96
CA GLU B 260 30.79 -0.98 -4.54
C GLU B 260 30.05 0.29 -4.17
N THR B 261 30.07 0.60 -2.87
CA THR B 261 29.41 1.78 -2.29
C THR B 261 29.82 3.04 -3.02
N LEU B 262 31.11 3.14 -3.29
CA LEU B 262 31.69 4.37 -3.84
C LEU B 262 31.64 4.47 -5.34
N GLN B 263 31.18 3.42 -6.02
CA GLN B 263 31.04 3.44 -7.50
C GLN B 263 30.25 4.67 -7.94
N SER B 264 30.81 5.42 -8.89
CA SER B 264 30.12 6.56 -9.44
C SER B 264 28.82 6.04 -10.12
N PRO B 265 27.68 6.73 -9.91
CA PRO B 265 26.37 6.18 -10.42
C PRO B 265 26.31 6.14 -11.94
N THR B 266 25.87 5.00 -12.49
CA THR B 266 25.69 4.90 -13.95
C THR B 266 24.29 4.37 -14.21
N LYS B 267 23.83 4.59 -15.43
CA LYS B 267 22.50 4.15 -15.91
C LYS B 267 22.73 3.43 -17.25
N THR B 268 22.61 2.11 -17.24
CA THR B 268 22.84 1.27 -18.39
C THR B 268 21.57 1.17 -19.21
N HIS B 269 21.50 2.06 -20.19
CA HIS B 269 20.38 2.13 -21.12
C HIS B 269 20.81 1.75 -22.54
N THR B 270 21.48 0.60 -22.65
CA THR B 270 22.02 0.06 -23.90
C THR B 270 21.24 -1.18 -24.32
N ILE B 271 21.21 -1.45 -25.62
CA ILE B 271 20.68 -2.70 -26.18
C ILE B 271 21.83 -3.44 -26.90
N PRO B 272 21.86 -4.78 -26.83
CA PRO B 272 22.88 -5.49 -27.61
C PRO B 272 22.89 -5.12 -29.11
N GLU B 273 24.07 -4.95 -29.70
CA GLU B 273 24.14 -4.64 -31.14
C GLU B 273 23.36 -5.61 -32.03
N LYS B 274 23.47 -6.92 -31.78
CA LYS B 274 22.73 -7.87 -32.62
C LYS B 274 21.23 -7.69 -32.46
N VAL B 275 20.80 -7.29 -31.27
CA VAL B 275 19.36 -7.11 -31.03
C VAL B 275 18.90 -5.88 -31.77
N LEU B 276 19.71 -4.84 -31.75
CA LEU B 276 19.39 -3.61 -32.46
C LEU B 276 19.27 -3.88 -33.97
N SER B 277 20.17 -4.73 -34.48
CA SER B 277 20.12 -5.12 -35.88
C SER B 277 18.77 -5.81 -36.15
N ASP B 278 18.40 -6.76 -35.27
CA ASP B 278 17.17 -7.52 -35.43
C ASP B 278 15.95 -6.59 -35.41
N ILE B 279 15.98 -5.63 -34.50
CA ILE B 279 14.92 -4.60 -34.42
C ILE B 279 14.79 -3.82 -35.74
N ARG B 280 15.92 -3.46 -36.36
CA ARG B 280 15.87 -2.76 -37.67
C ARG B 280 15.30 -3.64 -38.76
N VAL B 281 15.78 -4.86 -38.88
CA VAL B 281 15.24 -5.81 -39.86
C VAL B 281 13.72 -5.95 -39.79
N LYS B 282 13.20 -6.14 -38.58
CA LYS B 282 11.79 -6.36 -38.38
C LYS B 282 10.98 -5.07 -38.27
N GLY B 283 11.63 -3.92 -38.30
CA GLY B 283 10.93 -2.62 -38.26
C GLY B 283 10.23 -2.29 -36.95
N LEU B 284 10.88 -2.63 -35.84
CA LEU B 284 10.28 -2.50 -34.54
C LEU B 284 10.67 -1.23 -33.77
N ALA B 285 11.34 -0.31 -34.45
CA ALA B 285 11.59 1.03 -33.89
C ALA B 285 11.32 2.11 -34.95
N PRO B 286 11.21 3.38 -34.53
CA PRO B 286 11.14 4.48 -35.50
C PRO B 286 12.46 4.64 -36.27
#